data_5SLT
#
_entry.id   5SLT
#
_cell.length_a   67.611
_cell.length_b   68.169
_cell.length_c   138.765
_cell.angle_alpha   90.000
_cell.angle_beta   90.000
_cell.angle_gamma   90.000
#
_symmetry.space_group_name_H-M   'P 21 21 21'
#
loop_
_entity.id
_entity.type
_entity.pdbx_description
1 polymer 'Proofreading exoribonuclease nsp14'
2 non-polymer 'ZINC ION'
3 non-polymer 'PHOSPHATE ION'
4 non-polymer '6-(methylcarbamoyl)pyridine-2-carboxylic acid'
5 water water
#
_entity_poly.entity_id   1
_entity_poly.type   'polypeptide(L)'
_entity_poly.pdbx_seq_one_letter_code
;SMLFKDCSKVITGLHPTQAPTHLSVDTKFKTEGLCVDIPGIPKDMTYRRLISMMGFKMNYQVNGYPNMFITREEAIRHVR
AWIGFDVEGCHATREAVGTNLPLQLGFSTGVNLVAVPTGYVDTPNNTDFSRVSAKPPPGDQFKHLIPLMYKGLPWNVVRI
KIVQMLSDTLKNLSDRVVFVLWAHGFELTSMKYFVKIGPERTCCLCDRRATCFSTASDTYACWHHSIGFDYVYNPFMIDV
QQWGFTGNLQSNHDLYCQVHGNAHVASCDAIMTRCLAVHECFVKRVDWTIEYPIIGDELKINAACRKVQHMVVKAALLAD
KFPVLHDIGNPKAIKCVPQADVEWKFYDAQPCSDKAYKIEELFYSYATHSDKFTDGVCLFWNCNVDRYPANSIVCRFDTR
VLSNLNLPGCDGGSLYVNKHAFHTPAFDKSAFVNLKQLPFFYYSDSPCESHGKQVVSDIDYVPLKSATCITRCNLGGAVC
RHHANEYRLYLDAYNMMISAGFSLWVYKQFDTYNLWNTFTRLQ
;
_entity_poly.pdbx_strand_id   D
#
loop_
_chem_comp.id
_chem_comp.type
_chem_comp.name
_chem_comp.formula
LNS non-polymer '6-(methylcarbamoyl)pyridine-2-carboxylic acid' 'C8 H8 N2 O3'
PO4 non-polymer 'PHOSPHATE ION' 'O4 P -3'
ZN non-polymer 'ZINC ION' 'Zn 2'
#
# COMPACT_ATOMS: atom_id res chain seq x y z
N PRO A 20 -20.85 14.76 -12.63
CA PRO A 20 -20.25 13.42 -12.59
C PRO A 20 -19.21 13.26 -11.48
N THR A 21 -19.69 12.94 -10.27
CA THR A 21 -18.86 12.72 -9.09
C THR A 21 -19.21 11.34 -8.52
N HIS A 22 -20.51 11.02 -8.40
CA HIS A 22 -20.94 9.72 -7.90
C HIS A 22 -21.50 8.85 -9.06
N LEU A 23 -21.70 7.55 -8.82
CA LEU A 23 -22.26 6.64 -9.82
C LEU A 23 -23.78 6.79 -9.77
N SER A 24 -24.43 7.16 -10.90
CA SER A 24 -25.88 7.32 -10.93
C SER A 24 -26.59 6.00 -10.61
N VAL A 25 -27.61 6.02 -9.74
CA VAL A 25 -28.38 4.80 -9.48
C VAL A 25 -29.11 4.32 -10.76
N ASP A 26 -29.32 5.24 -11.76
CA ASP A 26 -29.99 4.85 -13.00
C ASP A 26 -29.02 4.25 -14.04
N THR A 27 -27.73 4.05 -13.68
CA THR A 27 -26.75 3.39 -14.55
C THR A 27 -27.16 1.92 -14.68
N LYS A 28 -26.96 1.34 -15.86
CA LYS A 28 -27.29 -0.06 -16.10
C LYS A 28 -26.26 -0.96 -15.45
N PHE A 29 -26.73 -2.10 -14.97
CA PHE A 29 -25.91 -3.09 -14.30
C PHE A 29 -26.09 -4.41 -15.05
N LYS A 30 -24.99 -4.98 -15.57
CA LYS A 30 -25.05 -6.24 -16.31
C LYS A 30 -25.27 -7.39 -15.32
N THR A 31 -26.36 -8.15 -15.50
CA THR A 31 -26.79 -9.20 -14.59
C THR A 31 -26.42 -10.63 -14.97
N GLU A 32 -25.70 -10.82 -16.07
CA GLU A 32 -25.33 -12.18 -16.51
C GLU A 32 -24.56 -13.01 -15.44
N GLY A 33 -23.64 -12.38 -14.71
CA GLY A 33 -22.90 -13.03 -13.65
C GLY A 33 -23.72 -13.45 -12.44
N LEU A 34 -24.93 -12.89 -12.30
CA LEU A 34 -25.86 -13.15 -11.21
C LEU A 34 -26.89 -14.24 -11.50
N CYS A 35 -27.07 -14.65 -12.75
CA CYS A 35 -28.21 -15.51 -13.11
C CYS A 35 -28.09 -17.00 -12.71
N VAL A 36 -26.92 -17.46 -12.25
CA VAL A 36 -26.84 -18.87 -11.78
C VAL A 36 -27.40 -18.92 -10.34
N ASP A 37 -27.02 -17.94 -9.49
CA ASP A 37 -27.58 -17.85 -8.13
C ASP A 37 -28.99 -17.27 -8.14
N ILE A 38 -29.28 -16.37 -9.07
CA ILE A 38 -30.58 -15.72 -9.20
C ILE A 38 -31.20 -16.00 -10.58
N PRO A 39 -31.73 -17.22 -10.82
CA PRO A 39 -32.31 -17.51 -12.15
C PRO A 39 -33.57 -16.68 -12.44
N GLY A 40 -33.66 -16.17 -13.65
CA GLY A 40 -34.80 -15.36 -14.08
C GLY A 40 -34.54 -13.87 -13.91
N ILE A 41 -33.35 -13.48 -13.41
CA ILE A 41 -33.02 -12.06 -13.22
C ILE A 41 -33.14 -11.29 -14.53
N PRO A 42 -33.82 -10.12 -14.51
CA PRO A 42 -33.97 -9.35 -15.74
C PRO A 42 -32.63 -8.91 -16.29
N LYS A 43 -32.51 -8.93 -17.62
CA LYS A 43 -31.31 -8.48 -18.29
C LYS A 43 -31.18 -6.95 -18.18
N ASP A 44 -32.31 -6.25 -18.20
CA ASP A 44 -32.38 -4.81 -18.08
C ASP A 44 -32.47 -4.53 -16.62
N MET A 45 -31.41 -3.92 -16.06
CA MET A 45 -31.36 -3.68 -14.63
C MET A 45 -30.55 -2.40 -14.32
N THR A 46 -31.00 -1.59 -13.39
CA THR A 46 -30.25 -0.42 -12.94
C THR A 46 -29.76 -0.67 -11.50
N TYR A 47 -28.89 0.19 -10.99
CA TYR A 47 -28.44 0.11 -9.60
C TYR A 47 -29.65 0.32 -8.65
N ARG A 48 -30.58 1.24 -9.04
CA ARG A 48 -31.79 1.55 -8.31
C ARG A 48 -32.62 0.27 -8.07
N ARG A 49 -32.86 -0.50 -9.13
CA ARG A 49 -33.61 -1.76 -8.99
C ARG A 49 -32.80 -2.85 -8.26
N LEU A 50 -31.48 -2.88 -8.46
CA LEU A 50 -30.61 -3.86 -7.79
C LEU A 50 -30.58 -3.63 -6.27
N ILE A 51 -30.42 -2.37 -5.84
CA ILE A 51 -30.38 -2.03 -4.41
C ILE A 51 -31.71 -2.41 -3.72
N SER A 52 -32.82 -2.17 -4.42
CA SER A 52 -34.17 -2.52 -3.98
C SER A 52 -34.32 -4.03 -3.84
N MET A 53 -33.81 -4.80 -4.82
CA MET A 53 -33.80 -6.25 -4.82
C MET A 53 -32.93 -6.82 -3.65
N MET A 54 -31.89 -6.07 -3.25
CA MET A 54 -31.05 -6.46 -2.13
C MET A 54 -31.72 -6.22 -0.76
N GLY A 55 -32.95 -5.66 -0.74
CA GLY A 55 -33.69 -5.39 0.48
C GLY A 55 -33.41 -4.03 1.11
N PHE A 56 -32.82 -3.09 0.36
CA PHE A 56 -32.51 -1.76 0.88
C PHE A 56 -33.42 -0.70 0.27
N LYS A 57 -33.75 0.34 1.04
CA LYS A 57 -34.60 1.42 0.55
C LYS A 57 -33.84 2.73 0.66
N MET A 58 -33.75 3.51 -0.44
CA MET A 58 -32.99 4.77 -0.40
C MET A 58 -33.89 6.03 -0.13
N ASN A 59 -35.24 5.86 -0.14
CA ASN A 59 -36.25 6.89 0.17
C ASN A 59 -36.14 8.28 -0.54
N TYR A 60 -35.43 8.39 -1.69
CA TYR A 60 -35.18 9.67 -2.40
C TYR A 60 -34.49 10.63 -1.42
N GLN A 61 -33.31 10.23 -0.93
CA GLN A 61 -32.62 10.98 0.11
C GLN A 61 -31.34 11.69 -0.39
N VAL A 62 -31.27 13.02 -0.19
CA VAL A 62 -30.09 13.81 -0.53
C VAL A 62 -29.23 14.05 0.72
N ASN A 63 -28.81 12.96 1.38
CA ASN A 63 -28.02 13.09 2.60
C ASN A 63 -26.66 12.39 2.53
N GLY A 64 -25.89 12.71 1.50
CA GLY A 64 -24.52 12.23 1.31
C GLY A 64 -24.28 10.79 0.87
N TYR A 65 -25.33 9.96 0.77
CA TYR A 65 -25.17 8.56 0.38
C TYR A 65 -26.04 8.27 -0.85
N PRO A 66 -25.64 8.70 -2.06
CA PRO A 66 -26.53 8.55 -3.22
C PRO A 66 -26.63 7.15 -3.81
N ASN A 67 -25.63 6.33 -3.60
CA ASN A 67 -25.59 4.99 -4.15
C ASN A 67 -24.66 4.12 -3.28
N MET A 68 -25.04 2.85 -3.04
CA MET A 68 -24.19 1.91 -2.31
C MET A 68 -22.95 1.54 -3.18
N PHE A 69 -23.11 1.54 -4.51
CA PHE A 69 -22.09 1.24 -5.50
C PHE A 69 -21.39 2.50 -5.94
N ILE A 70 -20.09 2.37 -6.24
CA ILE A 70 -19.26 3.52 -6.62
C ILE A 70 -18.55 3.30 -7.95
N THR A 71 -18.05 4.39 -8.56
CA THR A 71 -17.32 4.31 -9.81
C THR A 71 -15.90 3.75 -9.56
N ARG A 72 -15.21 3.31 -10.62
CA ARG A 72 -13.83 2.84 -10.59
C ARG A 72 -12.93 3.98 -10.08
N GLU A 73 -13.17 5.22 -10.54
CA GLU A 73 -12.36 6.37 -10.13
C GLU A 73 -12.51 6.63 -8.62
N GLU A 74 -13.76 6.54 -8.08
CA GLU A 74 -13.98 6.70 -6.66
C GLU A 74 -13.36 5.55 -5.89
N ALA A 75 -13.42 4.31 -6.43
CA ALA A 75 -12.78 3.18 -5.77
C ALA A 75 -11.26 3.38 -5.67
N ILE A 76 -10.63 3.90 -6.73
CA ILE A 76 -9.19 4.14 -6.76
C ILE A 76 -8.81 5.16 -5.69
N ARG A 77 -9.58 6.25 -5.56
CA ARG A 77 -9.31 7.24 -4.51
C ARG A 77 -9.44 6.63 -3.10
N HIS A 78 -10.23 5.56 -2.94
CA HIS A 78 -10.45 4.94 -1.64
C HIS A 78 -9.88 3.52 -1.57
N VAL A 79 -8.75 3.28 -2.28
CA VAL A 79 -8.08 1.97 -2.30
C VAL A 79 -7.74 1.44 -0.88
N ARG A 80 -7.43 2.33 0.10
CA ARG A 80 -7.16 1.89 1.46
C ARG A 80 -8.35 1.22 2.13
N ALA A 81 -9.59 1.52 1.64
CA ALA A 81 -10.82 0.93 2.17
C ALA A 81 -11.16 -0.42 1.52
N TRP A 82 -10.41 -0.89 0.49
CA TRP A 82 -10.80 -2.10 -0.21
C TRP A 82 -10.72 -3.36 0.61
N ILE A 83 -11.86 -4.08 0.66
CA ILE A 83 -11.97 -5.37 1.31
C ILE A 83 -12.66 -6.30 0.32
N GLY A 84 -11.92 -7.25 -0.23
CA GLY A 84 -12.48 -8.25 -1.11
C GLY A 84 -13.51 -9.07 -0.36
N PHE A 85 -14.65 -9.33 -0.97
CA PHE A 85 -15.73 -10.03 -0.30
C PHE A 85 -16.42 -11.01 -1.23
N ASP A 86 -16.51 -12.27 -0.79
CA ASP A 86 -17.13 -13.31 -1.57
C ASP A 86 -18.01 -14.18 -0.69
N VAL A 87 -19.13 -14.68 -1.24
CA VAL A 87 -20.02 -15.57 -0.51
C VAL A 87 -20.22 -16.83 -1.33
N GLU A 88 -20.00 -17.99 -0.71
CA GLU A 88 -20.22 -19.27 -1.39
C GLU A 88 -21.28 -20.08 -0.67
N GLY A 89 -22.17 -20.70 -1.43
CA GLY A 89 -23.19 -21.55 -0.86
C GLY A 89 -22.53 -22.80 -0.31
N CYS A 90 -22.64 -23.03 1.01
CA CYS A 90 -22.05 -24.21 1.62
C CYS A 90 -22.85 -25.43 1.17
N HIS A 91 -24.18 -25.32 1.22
CA HIS A 91 -25.05 -26.40 0.79
C HIS A 91 -25.89 -25.94 -0.41
N GLY A 98 -29.34 -19.24 0.52
CA GLY A 98 -30.69 -19.25 -0.05
C GLY A 98 -31.77 -19.37 1.02
N THR A 99 -31.48 -18.82 2.23
CA THR A 99 -32.34 -18.81 3.44
C THR A 99 -32.60 -20.24 3.99
N ASN A 100 -32.19 -21.29 3.25
CA ASN A 100 -32.35 -22.67 3.67
C ASN A 100 -30.99 -23.31 3.99
N LEU A 101 -29.94 -22.92 3.25
CA LEU A 101 -28.59 -23.47 3.38
C LEU A 101 -27.58 -22.50 4.01
N PRO A 102 -26.53 -23.04 4.66
CA PRO A 102 -25.51 -22.17 5.25
C PRO A 102 -24.62 -21.52 4.18
N LEU A 103 -24.11 -20.33 4.48
CA LEU A 103 -23.27 -19.57 3.57
C LEU A 103 -21.89 -19.38 4.16
N GLN A 104 -20.87 -19.44 3.30
CA GLN A 104 -19.51 -19.18 3.69
C GLN A 104 -19.15 -17.76 3.22
N LEU A 105 -18.90 -16.87 4.18
CA LEU A 105 -18.56 -15.47 3.95
C LEU A 105 -17.04 -15.41 3.97
N GLY A 106 -16.45 -14.89 2.91
CA GLY A 106 -15.00 -14.81 2.80
C GLY A 106 -14.57 -13.39 2.56
N PHE A 107 -13.50 -12.98 3.24
CA PHE A 107 -12.95 -11.62 3.15
C PHE A 107 -11.46 -11.66 2.78
N SER A 108 -10.97 -10.59 2.08
CA SER A 108 -9.56 -10.57 1.68
C SER A 108 -8.58 -10.46 2.89
N THR A 109 -9.10 -10.37 4.11
CA THR A 109 -8.29 -10.48 5.33
C THR A 109 -7.89 -11.97 5.60
N GLY A 110 -8.49 -12.91 4.85
CA GLY A 110 -8.25 -14.34 4.98
C GLY A 110 -9.28 -15.06 5.85
N VAL A 111 -10.22 -14.32 6.41
CA VAL A 111 -11.27 -14.86 7.27
C VAL A 111 -12.43 -15.49 6.51
N ASN A 112 -12.90 -16.68 6.97
CA ASN A 112 -14.09 -17.34 6.47
C ASN A 112 -15.02 -17.55 7.64
N LEU A 113 -16.24 -17.02 7.54
CA LEU A 113 -17.28 -17.21 8.54
C LEU A 113 -18.41 -18.02 7.91
N VAL A 114 -18.99 -18.95 8.66
CA VAL A 114 -20.13 -19.71 8.18
C VAL A 114 -21.38 -19.18 8.88
N ALA A 115 -22.32 -18.64 8.11
CA ALA A 115 -23.59 -18.13 8.64
C ALA A 115 -24.70 -19.14 8.37
N VAL A 116 -25.37 -19.63 9.42
CA VAL A 116 -26.50 -20.54 9.28
C VAL A 116 -27.81 -19.72 9.39
N PRO A 117 -28.82 -20.04 8.56
CA PRO A 117 -30.05 -19.25 8.60
C PRO A 117 -30.98 -19.52 9.79
N THR A 118 -30.80 -20.69 10.46
CA THR A 118 -31.56 -21.20 11.61
C THR A 118 -32.49 -20.20 12.32
N PRO A 147 -6.66 -17.68 5.73
CA PRO A 147 -7.15 -19.07 5.64
C PRO A 147 -7.88 -19.56 6.89
N LEU A 148 -8.29 -18.64 7.79
CA LEU A 148 -8.98 -19.02 9.03
C LEU A 148 -10.44 -19.40 8.78
N MET A 149 -10.80 -20.62 9.19
CA MET A 149 -12.13 -21.21 8.97
C MET A 149 -12.91 -21.35 10.26
N TYR A 150 -14.08 -20.69 10.36
CA TYR A 150 -14.91 -20.77 11.57
C TYR A 150 -16.17 -21.61 11.33
N LYS A 151 -16.66 -22.33 12.37
CA LYS A 151 -17.87 -23.16 12.27
C LYS A 151 -19.15 -22.31 12.21
N GLY A 152 -20.22 -22.89 11.66
CA GLY A 152 -21.51 -22.26 11.44
C GLY A 152 -22.23 -21.65 12.62
N LEU A 153 -22.57 -20.36 12.52
CA LEU A 153 -23.23 -19.62 13.58
C LEU A 153 -24.35 -18.73 13.03
N PRO A 154 -25.39 -18.40 13.82
CA PRO A 154 -26.44 -17.51 13.29
C PRO A 154 -25.95 -16.10 12.99
N TRP A 155 -26.63 -15.42 12.08
CA TRP A 155 -26.31 -14.06 11.63
C TRP A 155 -26.15 -13.02 12.74
N ASN A 156 -26.96 -13.12 13.82
CA ASN A 156 -26.85 -12.18 14.94
C ASN A 156 -25.47 -12.19 15.58
N VAL A 157 -24.76 -13.34 15.54
CA VAL A 157 -23.39 -13.36 16.10
C VAL A 157 -22.39 -13.09 14.98
N VAL A 158 -22.63 -13.61 13.76
CA VAL A 158 -21.76 -13.39 12.59
C VAL A 158 -21.54 -11.88 12.31
N ARG A 159 -22.62 -11.09 12.44
CA ARG A 159 -22.56 -9.65 12.18
C ARG A 159 -21.65 -8.91 13.18
N ILE A 160 -21.58 -9.37 14.45
CA ILE A 160 -20.69 -8.81 15.47
C ILE A 160 -19.22 -9.05 15.08
N LYS A 161 -18.90 -10.27 14.60
CA LYS A 161 -17.56 -10.61 14.14
C LYS A 161 -17.15 -9.76 12.93
N ILE A 162 -18.09 -9.56 11.96
CA ILE A 162 -17.83 -8.75 10.77
C ILE A 162 -17.44 -7.32 11.17
N VAL A 163 -18.23 -6.70 12.05
CA VAL A 163 -17.95 -5.34 12.53
C VAL A 163 -16.57 -5.27 13.25
N GLN A 164 -16.23 -6.24 14.13
CA GLN A 164 -14.92 -6.26 14.80
C GLN A 164 -13.77 -6.37 13.78
N MET A 165 -13.89 -7.34 12.84
CA MET A 165 -12.86 -7.58 11.83
C MET A 165 -12.58 -6.34 10.97
N LEU A 166 -13.65 -5.71 10.43
CA LEU A 166 -13.52 -4.50 9.58
C LEU A 166 -12.94 -3.32 10.35
N SER A 167 -13.38 -3.11 11.58
CA SER A 167 -12.89 -2.01 12.40
C SER A 167 -11.41 -2.17 12.71
N ASP A 168 -10.96 -3.38 13.04
CA ASP A 168 -9.54 -3.61 13.34
C ASP A 168 -8.69 -3.50 12.12
N THR A 169 -9.20 -3.94 10.96
CA THR A 169 -8.44 -3.88 9.73
C THR A 169 -8.35 -2.44 9.22
N LEU A 170 -9.44 -1.68 9.33
CA LEU A 170 -9.56 -0.37 8.69
C LEU A 170 -9.39 0.88 9.55
N LYS A 171 -9.41 0.82 10.90
CA LYS A 171 -9.37 2.04 11.70
C LYS A 171 -8.18 2.98 11.41
N ASN A 172 -7.02 2.43 11.04
CA ASN A 172 -5.85 3.24 10.72
C ASN A 172 -5.65 3.43 9.19
N LEU A 173 -6.52 2.84 8.35
CA LEU A 173 -6.40 2.94 6.91
C LEU A 173 -7.34 3.93 6.26
N SER A 174 -8.61 3.93 6.67
CA SER A 174 -9.62 4.68 5.96
C SER A 174 -10.83 5.10 6.79
N ASP A 175 -11.61 6.07 6.29
CA ASP A 175 -12.85 6.49 6.94
C ASP A 175 -14.06 5.63 6.49
N ARG A 176 -13.85 4.61 5.67
CA ARG A 176 -14.95 3.80 5.13
C ARG A 176 -14.50 2.37 4.78
N VAL A 177 -15.43 1.58 4.21
CA VAL A 177 -15.16 0.26 3.66
C VAL A 177 -15.69 0.25 2.22
N VAL A 178 -14.92 -0.32 1.30
CA VAL A 178 -15.31 -0.54 -0.09
C VAL A 178 -15.23 -2.04 -0.30
N PHE A 179 -16.38 -2.73 -0.39
CA PHE A 179 -16.40 -4.16 -0.65
C PHE A 179 -16.14 -4.41 -2.13
N VAL A 180 -15.06 -5.13 -2.44
CA VAL A 180 -14.67 -5.43 -3.80
C VAL A 180 -15.22 -6.81 -4.14
N LEU A 181 -16.13 -6.85 -5.10
CA LEU A 181 -16.85 -8.06 -5.46
C LEU A 181 -16.60 -8.56 -6.89
N TRP A 182 -16.82 -9.85 -7.10
CA TRP A 182 -16.90 -10.51 -8.40
C TRP A 182 -18.29 -11.14 -8.24
N ALA A 183 -19.32 -10.27 -8.35
CA ALA A 183 -20.68 -10.60 -7.98
C ALA A 183 -21.35 -11.72 -8.77
N HIS A 184 -21.77 -12.74 -8.04
CA HIS A 184 -22.55 -13.84 -8.58
C HIS A 184 -23.97 -13.94 -7.97
N GLY A 185 -24.27 -13.17 -6.92
CA GLY A 185 -25.62 -13.15 -6.36
C GLY A 185 -25.75 -13.30 -4.85
N PHE A 186 -25.20 -14.39 -4.27
CA PHE A 186 -25.29 -14.64 -2.84
C PHE A 186 -24.64 -13.55 -1.96
N GLU A 187 -23.55 -12.92 -2.43
CA GLU A 187 -22.91 -11.88 -1.64
C GLU A 187 -23.80 -10.63 -1.56
N LEU A 188 -24.52 -10.29 -2.64
CA LEU A 188 -25.41 -9.13 -2.69
C LEU A 188 -26.64 -9.36 -1.83
N THR A 189 -27.23 -10.57 -1.89
CA THR A 189 -28.41 -10.88 -1.10
C THR A 189 -28.07 -11.18 0.38
N SER A 190 -26.79 -11.40 0.74
CA SER A 190 -26.46 -11.61 2.14
C SER A 190 -26.25 -10.27 2.89
N MET A 191 -26.06 -9.17 2.17
CA MET A 191 -25.77 -7.88 2.76
C MET A 191 -26.81 -7.36 3.73
N LYS A 192 -28.09 -7.61 3.47
CA LYS A 192 -29.17 -7.18 4.36
C LYS A 192 -29.03 -7.76 5.79
N TYR A 193 -28.28 -8.85 5.96
CA TYR A 193 -28.11 -9.49 7.25
C TYR A 193 -27.00 -8.88 8.12
N PHE A 194 -26.20 -7.93 7.59
CA PHE A 194 -25.14 -7.29 8.38
C PHE A 194 -24.91 -5.83 8.04
N VAL A 195 -25.68 -5.27 7.08
CA VAL A 195 -25.53 -3.89 6.61
C VAL A 195 -26.81 -3.07 6.85
N LYS A 196 -26.64 -1.83 7.32
CA LYS A 196 -27.72 -0.87 7.48
C LYS A 196 -27.29 0.38 6.71
N ILE A 197 -28.24 1.03 6.06
CA ILE A 197 -27.98 2.25 5.32
C ILE A 197 -28.87 3.40 5.81
N GLY A 198 -28.49 4.62 5.46
CA GLY A 198 -29.27 5.79 5.81
C GLY A 198 -28.50 7.04 5.47
N PRO A 199 -28.89 8.18 6.07
CA PRO A 199 -28.14 9.42 5.83
C PRO A 199 -26.71 9.33 6.39
N GLU A 200 -25.79 10.17 5.87
CA GLU A 200 -24.43 10.21 6.39
C GLU A 200 -24.46 10.73 7.81
N ARG A 201 -23.78 10.04 8.71
CA ARG A 201 -23.78 10.39 10.13
C ARG A 201 -22.37 10.51 10.70
N THR A 202 -22.25 11.05 11.93
CA THR A 202 -20.94 11.12 12.58
C THR A 202 -20.90 10.16 13.78
N CYS A 203 -19.71 9.84 14.26
CA CYS A 203 -19.52 8.98 15.41
C CYS A 203 -20.13 9.60 16.67
N CYS A 204 -20.65 8.76 17.58
CA CYS A 204 -21.22 9.26 18.84
C CYS A 204 -20.15 9.73 19.83
N LEU A 205 -18.89 9.27 19.66
CA LEU A 205 -17.77 9.59 20.53
C LEU A 205 -16.73 10.54 19.90
N CYS A 206 -16.77 10.74 18.57
CA CYS A 206 -15.80 11.64 17.93
C CYS A 206 -16.38 12.32 16.64
N ASP A 207 -15.56 13.09 15.90
CA ASP A 207 -16.00 13.82 14.72
C ASP A 207 -15.94 13.02 13.41
N ARG A 208 -15.36 11.83 13.41
CA ARG A 208 -15.26 11.03 12.19
C ARG A 208 -16.62 10.56 11.65
N ARG A 209 -16.70 10.26 10.34
CA ARG A 209 -17.95 9.76 9.77
C ARG A 209 -18.22 8.35 10.36
N ALA A 210 -19.50 8.04 10.54
CA ALA A 210 -19.97 6.79 11.10
C ALA A 210 -19.87 5.65 10.09
N THR A 211 -19.33 4.53 10.54
CA THR A 211 -19.20 3.32 9.72
C THR A 211 -19.92 2.10 10.32
N CYS A 212 -20.42 2.21 11.56
CA CYS A 212 -21.08 1.12 12.29
C CYS A 212 -22.33 1.63 12.99
N PHE A 213 -23.27 0.72 13.24
CA PHE A 213 -24.49 1.01 13.95
C PHE A 213 -24.68 -0.07 15.01
N SER A 214 -25.23 0.30 16.17
CA SER A 214 -25.51 -0.66 17.21
C SER A 214 -27.02 -0.74 17.46
N THR A 215 -27.63 -1.94 17.35
CA THR A 215 -29.06 -2.09 17.67
C THR A 215 -29.30 -2.09 19.19
N ALA A 216 -28.28 -2.40 20.00
CA ALA A 216 -28.39 -2.42 21.45
C ALA A 216 -28.58 -0.99 22.01
N SER A 217 -27.78 -0.03 21.53
CA SER A 217 -27.83 1.33 22.01
C SER A 217 -28.50 2.32 21.06
N ASP A 218 -28.79 1.94 19.81
CA ASP A 218 -29.38 2.83 18.81
C ASP A 218 -28.41 4.00 18.47
N THR A 219 -27.10 3.74 18.48
CA THR A 219 -26.09 4.75 18.21
C THR A 219 -25.17 4.38 17.03
N TYR A 220 -24.34 5.33 16.58
CA TYR A 220 -23.44 5.16 15.47
C TYR A 220 -22.01 5.41 15.90
N ALA A 221 -21.06 4.72 15.26
CA ALA A 221 -19.66 4.87 15.59
C ALA A 221 -18.77 4.78 14.36
N CYS A 222 -17.54 5.32 14.45
CA CYS A 222 -16.52 5.15 13.43
C CYS A 222 -15.82 3.78 13.69
N TRP A 223 -14.75 3.43 12.93
CA TRP A 223 -14.01 2.18 13.14
C TRP A 223 -13.28 2.18 14.50
N HIS A 224 -12.89 3.36 15.02
CA HIS A 224 -12.15 3.41 16.29
C HIS A 224 -13.03 3.20 17.52
N HIS A 225 -14.34 3.48 17.43
CA HIS A 225 -15.21 3.44 18.62
C HIS A 225 -16.35 2.44 18.52
N SER A 226 -16.18 1.39 17.72
CA SER A 226 -17.26 0.46 17.44
C SER A 226 -17.31 -0.84 18.22
N ILE A 227 -16.57 -0.96 19.33
CA ILE A 227 -16.58 -2.21 20.11
C ILE A 227 -17.99 -2.53 20.61
N GLY A 228 -18.47 -3.73 20.30
CA GLY A 228 -19.83 -4.11 20.66
C GLY A 228 -20.89 -3.76 19.62
N PHE A 229 -20.50 -3.13 18.50
CA PHE A 229 -21.47 -2.77 17.45
C PHE A 229 -21.79 -3.97 16.56
N ASP A 230 -23.02 -4.03 16.03
CA ASP A 230 -23.44 -5.22 15.26
C ASP A 230 -23.73 -4.99 13.78
N TYR A 231 -23.88 -3.74 13.31
CA TYR A 231 -24.13 -3.52 11.89
C TYR A 231 -23.12 -2.63 11.22
N VAL A 232 -22.74 -2.98 9.98
CA VAL A 232 -21.89 -2.15 9.16
C VAL A 232 -22.84 -1.09 8.62
N TYR A 233 -22.46 0.16 8.72
CA TYR A 233 -23.30 1.26 8.31
C TYR A 233 -22.75 2.05 7.12
N ASN A 234 -23.59 2.23 6.09
CA ASN A 234 -23.23 2.95 4.85
C ASN A 234 -21.91 2.48 4.23
N PRO A 235 -21.77 1.15 4.00
CA PRO A 235 -20.58 0.69 3.29
C PRO A 235 -20.70 1.02 1.80
N PHE A 236 -19.58 0.96 1.10
CA PHE A 236 -19.55 1.13 -0.34
C PHE A 236 -19.13 -0.20 -0.97
N MET A 237 -19.43 -0.37 -2.25
CA MET A 237 -19.12 -1.60 -2.95
C MET A 237 -18.91 -1.36 -4.44
N ILE A 238 -18.19 -2.28 -5.08
CA ILE A 238 -17.91 -2.23 -6.50
C ILE A 238 -17.86 -3.66 -7.06
N ASP A 239 -18.59 -3.89 -8.16
CA ASP A 239 -18.58 -5.20 -8.81
C ASP A 239 -17.60 -5.18 -9.98
N VAL A 240 -16.42 -5.80 -9.80
CA VAL A 240 -15.35 -5.93 -10.81
C VAL A 240 -15.88 -6.58 -12.11
N GLN A 241 -16.86 -7.47 -11.97
CA GLN A 241 -17.49 -8.12 -13.10
C GLN A 241 -18.19 -7.07 -14.04
N GLN A 242 -18.42 -5.83 -13.60
CA GLN A 242 -18.99 -4.79 -14.47
C GLN A 242 -17.95 -4.13 -15.39
N TRP A 243 -16.67 -4.42 -15.20
CA TRP A 243 -15.60 -3.76 -15.93
C TRP A 243 -15.33 -4.35 -17.32
N GLY A 244 -15.96 -5.46 -17.66
CA GLY A 244 -15.82 -6.07 -18.98
C GLY A 244 -14.68 -7.07 -19.07
N PHE A 245 -14.96 -8.30 -18.62
CA PHE A 245 -13.98 -9.39 -18.63
C PHE A 245 -14.59 -10.60 -19.32
N THR A 246 -13.74 -11.46 -19.89
CA THR A 246 -14.20 -12.71 -20.48
C THR A 246 -13.73 -13.83 -19.55
N GLY A 247 -14.60 -14.78 -19.27
CA GLY A 247 -14.25 -15.90 -18.40
C GLY A 247 -14.38 -15.58 -16.92
N ASN A 248 -14.19 -16.61 -16.09
CA ASN A 248 -14.38 -16.53 -14.65
C ASN A 248 -13.26 -15.75 -13.89
N LEU A 249 -13.41 -15.62 -12.56
CA LEU A 249 -12.46 -14.92 -11.71
C LEU A 249 -11.05 -15.53 -11.79
N GLN A 250 -10.94 -16.86 -11.58
CA GLN A 250 -9.65 -17.52 -11.58
C GLN A 250 -8.87 -17.33 -12.87
N SER A 251 -9.51 -17.50 -14.05
CA SER A 251 -8.80 -17.34 -15.31
C SER A 251 -8.30 -15.92 -15.52
N ASN A 252 -9.03 -14.90 -15.03
CA ASN A 252 -8.58 -13.52 -15.16
C ASN A 252 -7.47 -13.17 -14.15
N HIS A 253 -7.62 -13.63 -12.90
CA HIS A 253 -6.63 -13.38 -11.84
C HIS A 253 -5.29 -14.06 -12.20
N ASP A 254 -5.34 -15.35 -12.63
CA ASP A 254 -4.14 -16.15 -12.93
C ASP A 254 -3.34 -15.68 -14.15
N LEU A 255 -3.92 -14.81 -14.98
CA LEU A 255 -3.19 -14.22 -16.10
C LEU A 255 -2.07 -13.28 -15.59
N TYR A 256 -2.23 -12.71 -14.39
CA TYR A 256 -1.32 -11.72 -13.84
C TYR A 256 -0.71 -12.09 -12.50
N CYS A 257 -1.18 -13.17 -11.83
CA CYS A 257 -0.68 -13.47 -10.50
C CYS A 257 -0.56 -14.96 -10.21
N GLN A 258 0.61 -15.35 -9.68
CA GLN A 258 0.86 -16.76 -9.30
C GLN A 258 1.00 -16.96 -7.78
N VAL A 259 0.87 -15.88 -6.98
CA VAL A 259 1.04 -15.94 -5.53
C VAL A 259 -0.24 -16.34 -4.79
N HIS A 260 -1.41 -16.06 -5.38
CA HIS A 260 -2.67 -16.45 -4.76
C HIS A 260 -3.25 -17.66 -5.46
N GLY A 261 -3.43 -18.75 -4.72
CA GLY A 261 -4.02 -19.95 -5.28
C GLY A 261 -5.53 -19.98 -5.07
N ASN A 262 -6.18 -21.08 -5.49
CA ASN A 262 -7.63 -21.21 -5.29
C ASN A 262 -7.97 -22.47 -4.52
N ALA A 263 -7.95 -22.41 -3.18
CA ALA A 263 -8.34 -23.56 -2.37
C ALA A 263 -9.84 -23.91 -2.51
N HIS A 264 -10.63 -23.05 -3.20
CA HIS A 264 -12.08 -23.15 -3.43
C HIS A 264 -12.92 -22.55 -2.27
N VAL A 265 -12.25 -21.98 -1.24
CA VAL A 265 -12.93 -21.31 -0.14
C VAL A 265 -13.20 -19.83 -0.51
N ALA A 266 -14.23 -19.26 0.11
CA ALA A 266 -14.67 -17.91 -0.14
C ALA A 266 -13.60 -16.84 0.07
N SER A 267 -12.70 -17.00 1.05
CA SER A 267 -11.64 -16.01 1.30
C SER A 267 -10.59 -15.98 0.18
N CYS A 268 -10.34 -17.13 -0.48
CA CYS A 268 -9.43 -17.22 -1.62
C CYS A 268 -9.99 -16.40 -2.80
N ASP A 269 -11.29 -16.53 -3.06
CA ASP A 269 -11.95 -15.75 -4.12
C ASP A 269 -11.92 -14.25 -3.76
N ALA A 270 -12.15 -13.91 -2.48
CA ALA A 270 -12.16 -12.53 -1.99
C ALA A 270 -10.78 -11.88 -2.20
N ILE A 271 -9.71 -12.64 -1.90
CA ILE A 271 -8.33 -12.21 -2.09
C ILE A 271 -8.04 -12.02 -3.59
N MET A 272 -8.39 -13.00 -4.44
CA MET A 272 -8.20 -12.91 -5.90
C MET A 272 -8.96 -11.73 -6.52
N THR A 273 -10.18 -11.46 -6.02
CA THR A 273 -11.02 -10.38 -6.54
C THR A 273 -10.33 -9.04 -6.28
N ARG A 274 -9.91 -8.80 -5.02
CA ARG A 274 -9.21 -7.57 -4.69
C ARG A 274 -7.88 -7.48 -5.46
N CYS A 275 -7.16 -8.60 -5.62
CA CYS A 275 -5.89 -8.67 -6.36
C CYS A 275 -6.10 -8.24 -7.82
N LEU A 276 -7.15 -8.77 -8.49
CA LEU A 276 -7.47 -8.44 -9.89
C LEU A 276 -7.80 -6.94 -10.00
N ALA A 277 -8.59 -6.41 -9.04
CA ALA A 277 -8.94 -5.00 -8.98
C ALA A 277 -7.69 -4.10 -8.82
N VAL A 278 -6.72 -4.50 -7.97
CA VAL A 278 -5.46 -3.77 -7.79
C VAL A 278 -4.64 -3.82 -9.11
N HIS A 279 -4.57 -5.00 -9.76
CA HIS A 279 -3.89 -5.12 -11.06
C HIS A 279 -4.50 -4.18 -12.11
N GLU A 280 -5.84 -4.12 -12.21
CA GLU A 280 -6.48 -3.27 -13.21
C GLU A 280 -6.31 -1.79 -12.95
N CYS A 281 -6.28 -1.40 -11.67
CA CYS A 281 -6.29 0.01 -11.31
C CYS A 281 -4.93 0.60 -11.01
N PHE A 282 -3.92 -0.24 -10.72
CA PHE A 282 -2.60 0.25 -10.30
C PHE A 282 -1.41 -0.37 -11.04
N VAL A 283 -1.65 -1.43 -11.82
CA VAL A 283 -0.55 -2.09 -12.53
C VAL A 283 -0.62 -1.78 -14.03
N LYS A 284 -1.68 -2.23 -14.73
CA LYS A 284 -1.84 -1.94 -16.15
C LYS A 284 -2.24 -0.49 -16.43
N ARG A 285 -2.80 0.20 -15.42
CA ARG A 285 -3.20 1.59 -15.51
C ARG A 285 -2.53 2.31 -14.33
N VAL A 286 -1.83 3.43 -14.57
CA VAL A 286 -1.15 4.14 -13.49
C VAL A 286 -1.59 5.60 -13.46
N ASP A 287 -1.99 6.09 -12.29
CA ASP A 287 -2.40 7.49 -12.16
C ASP A 287 -1.67 8.16 -10.99
N TRP A 288 -0.57 8.87 -11.28
CA TRP A 288 0.16 9.58 -10.23
C TRP A 288 -0.35 11.02 -10.00
N THR A 289 -1.61 11.30 -10.36
CA THR A 289 -2.22 12.60 -10.10
C THR A 289 -3.17 12.54 -8.88
N ILE A 290 -3.59 11.33 -8.48
CA ILE A 290 -4.46 11.13 -7.34
C ILE A 290 -3.63 11.23 -6.09
N GLU A 291 -4.05 12.12 -5.21
CA GLU A 291 -3.46 12.40 -3.92
C GLU A 291 -4.23 11.61 -2.85
N TYR A 292 -3.53 11.07 -1.88
CA TYR A 292 -4.13 10.30 -0.80
C TYR A 292 -3.83 11.02 0.52
N PRO A 293 -4.78 11.00 1.47
CA PRO A 293 -4.54 11.72 2.74
C PRO A 293 -3.37 11.18 3.58
N ILE A 294 -2.85 12.04 4.47
CA ILE A 294 -1.79 11.67 5.40
C ILE A 294 -2.45 10.90 6.55
N ILE A 295 -2.09 9.64 6.73
CA ILE A 295 -2.68 8.79 7.78
C ILE A 295 -1.65 8.27 8.81
N GLY A 296 -0.38 8.60 8.63
CA GLY A 296 0.66 8.11 9.50
C GLY A 296 1.90 8.98 9.46
N ASP A 297 3.06 8.32 9.32
CA ASP A 297 4.37 8.96 9.34
C ASP A 297 4.89 9.41 8.00
N GLU A 298 3.99 9.59 7.00
CA GLU A 298 4.34 10.02 5.64
C GLU A 298 5.41 11.10 5.57
N LEU A 299 5.17 12.27 6.16
CA LEU A 299 6.08 13.39 6.07
C LEU A 299 7.47 13.10 6.66
N LYS A 300 7.52 12.41 7.82
CA LYS A 300 8.76 12.06 8.50
C LYS A 300 9.54 11.06 7.67
N ILE A 301 8.84 10.06 7.09
CA ILE A 301 9.46 9.04 6.25
C ILE A 301 10.06 9.69 5.00
N ASN A 302 9.31 10.62 4.38
CA ASN A 302 9.79 11.28 3.17
C ASN A 302 11.01 12.17 3.45
N ALA A 303 11.03 12.87 4.57
CA ALA A 303 12.14 13.72 4.97
C ALA A 303 13.38 12.87 5.30
N ALA A 304 13.16 11.74 5.96
CA ALA A 304 14.19 10.79 6.34
C ALA A 304 14.86 10.21 5.10
N CYS A 305 14.09 9.84 4.07
CA CYS A 305 14.59 9.30 2.83
C CYS A 305 15.50 10.31 2.12
N ARG A 306 15.09 11.61 2.12
CA ARG A 306 15.91 12.67 1.51
C ARG A 306 17.22 12.86 2.31
N LYS A 307 17.16 12.74 3.65
CA LYS A 307 18.35 12.91 4.50
C LYS A 307 19.34 11.79 4.27
N VAL A 308 18.87 10.54 4.28
CA VAL A 308 19.68 9.36 4.11
C VAL A 308 20.32 9.36 2.73
N GLN A 309 19.54 9.70 1.68
CA GLN A 309 20.08 9.76 0.32
C GLN A 309 21.25 10.73 0.20
N HIS A 310 21.08 11.95 0.73
CA HIS A 310 22.15 12.95 0.68
C HIS A 310 23.40 12.44 1.45
N MET A 311 23.20 11.82 2.63
CA MET A 311 24.29 11.30 3.45
C MET A 311 25.09 10.21 2.75
N VAL A 312 24.39 9.22 2.22
CA VAL A 312 25.00 8.05 1.63
C VAL A 312 25.75 8.36 0.34
N VAL A 313 25.13 9.16 -0.52
CA VAL A 313 25.73 9.51 -1.80
C VAL A 313 26.94 10.40 -1.56
N LYS A 314 26.80 11.39 -0.67
CA LYS A 314 27.93 12.28 -0.34
C LYS A 314 29.13 11.47 0.19
N ALA A 315 28.90 10.52 1.10
CA ALA A 315 29.99 9.71 1.64
C ALA A 315 30.60 8.78 0.61
N ALA A 316 29.80 8.18 -0.28
CA ALA A 316 30.35 7.31 -1.34
C ALA A 316 31.27 8.11 -2.28
N LEU A 317 30.87 9.34 -2.62
CA LEU A 317 31.68 10.20 -3.47
C LEU A 317 32.96 10.60 -2.76
N LEU A 318 32.91 10.89 -1.46
CA LEU A 318 34.11 11.25 -0.70
C LEU A 318 35.05 10.05 -0.53
N ALA A 319 34.50 8.88 -0.20
CA ALA A 319 35.29 7.68 0.07
C ALA A 319 35.95 7.07 -1.16
N ASP A 320 35.27 7.09 -2.32
CA ASP A 320 35.84 6.46 -3.51
C ASP A 320 36.13 7.41 -4.67
N LYS A 321 35.82 8.71 -4.52
CA LYS A 321 36.13 9.73 -5.52
C LYS A 321 35.74 9.37 -6.97
N PHE A 322 34.48 8.97 -7.20
CA PHE A 322 34.04 8.61 -8.54
C PHE A 322 34.03 9.85 -9.41
N PRO A 323 34.57 9.76 -10.64
CA PRO A 323 34.53 10.92 -11.53
C PRO A 323 33.13 11.17 -12.13
N VAL A 324 32.29 10.13 -12.25
CA VAL A 324 30.94 10.26 -12.85
C VAL A 324 29.90 9.44 -12.04
N LEU A 325 28.71 10.02 -11.85
CA LEU A 325 27.57 9.35 -11.21
C LEU A 325 26.40 9.25 -12.26
N HIS A 326 25.83 8.05 -12.42
CA HIS A 326 24.70 7.77 -13.30
C HIS A 326 23.47 7.64 -12.43
N ASP A 327 22.61 8.65 -12.45
CA ASP A 327 21.41 8.71 -11.62
C ASP A 327 20.23 8.13 -12.42
N ILE A 328 19.85 6.89 -12.13
CA ILE A 328 18.79 6.19 -12.88
C ILE A 328 17.48 6.10 -12.12
N GLY A 329 16.45 6.74 -12.65
CA GLY A 329 15.13 6.71 -12.02
C GLY A 329 14.25 7.89 -12.32
N ASN A 330 13.50 8.37 -11.32
CA ASN A 330 12.54 9.46 -11.46
C ASN A 330 12.97 10.58 -12.41
N PRO A 331 12.24 10.79 -13.52
CA PRO A 331 12.63 11.85 -14.45
C PRO A 331 12.62 13.26 -13.83
N LYS A 332 11.98 13.42 -12.66
CA LYS A 332 11.97 14.72 -11.98
C LYS A 332 13.05 14.82 -10.89
N ALA A 333 14.00 13.88 -10.79
CA ALA A 333 15.03 13.90 -9.76
C ALA A 333 15.98 15.10 -9.86
N ILE A 334 16.45 15.53 -8.70
CA ILE A 334 17.36 16.64 -8.51
C ILE A 334 18.69 16.07 -7.96
N LYS A 335 19.85 16.75 -8.19
CA LYS A 335 21.14 16.32 -7.63
C LYS A 335 21.02 16.30 -6.09
N CYS A 336 21.12 15.11 -5.47
CA CYS A 336 20.96 15.03 -4.00
C CYS A 336 22.18 15.57 -3.22
N VAL A 337 23.35 15.69 -3.88
CA VAL A 337 24.56 16.28 -3.30
C VAL A 337 24.99 17.41 -4.26
N PRO A 338 24.29 18.56 -4.20
CA PRO A 338 24.59 19.64 -5.17
C PRO A 338 26.02 20.18 -5.15
N GLN A 339 26.72 20.13 -4.01
CA GLN A 339 28.07 20.68 -3.95
C GLN A 339 29.15 19.70 -4.44
N ALA A 340 28.82 18.41 -4.66
CA ALA A 340 29.79 17.40 -5.09
C ALA A 340 30.50 17.74 -6.41
N ASP A 341 31.78 17.36 -6.52
CA ASP A 341 32.57 17.68 -7.71
C ASP A 341 32.17 16.92 -8.97
N VAL A 342 31.76 15.66 -8.79
CA VAL A 342 31.36 14.68 -9.79
C VAL A 342 30.52 15.17 -11.02
N GLU A 343 30.68 14.47 -12.14
CA GLU A 343 29.90 14.69 -13.34
C GLU A 343 28.57 13.94 -13.12
N TRP A 344 27.49 14.66 -12.90
CA TRP A 344 26.18 14.08 -12.61
C TRP A 344 25.35 13.88 -13.89
N LYS A 345 25.04 12.62 -14.24
CA LYS A 345 24.27 12.32 -15.45
C LYS A 345 22.98 11.61 -15.09
N PHE A 346 21.85 12.11 -15.59
CA PHE A 346 20.52 11.56 -15.32
C PHE A 346 19.97 10.71 -16.47
N TYR A 347 19.24 9.66 -16.12
CA TYR A 347 18.58 8.72 -17.01
C TYR A 347 17.17 8.56 -16.46
N ASP A 348 16.17 8.74 -17.32
CA ASP A 348 14.75 8.74 -16.98
C ASP A 348 14.13 7.35 -16.96
N ALA A 349 13.51 7.02 -15.86
CA ALA A 349 12.76 5.81 -15.69
C ALA A 349 11.71 6.05 -14.61
N GLN A 350 10.45 5.94 -14.99
CA GLN A 350 9.31 6.04 -14.11
C GLN A 350 9.28 4.81 -13.21
N PRO A 351 8.62 4.88 -12.03
CA PRO A 351 8.53 3.70 -11.17
C PRO A 351 7.87 2.53 -11.89
N CYS A 352 8.51 1.36 -11.91
CA CYS A 352 7.91 0.20 -12.58
C CYS A 352 6.87 -0.36 -11.62
N SER A 353 5.65 -0.56 -12.09
CA SER A 353 4.58 -1.09 -11.25
C SER A 353 4.27 -2.58 -11.50
N ASP A 354 4.72 -3.13 -12.62
CA ASP A 354 4.44 -4.51 -12.97
C ASP A 354 5.64 -5.40 -12.58
N LYS A 355 6.58 -5.68 -13.49
CA LYS A 355 7.80 -6.42 -13.18
C LYS A 355 8.97 -5.45 -13.03
N ALA A 356 10.04 -5.85 -12.31
CA ALA A 356 11.21 -4.99 -12.16
C ALA A 356 11.87 -4.78 -13.53
N TYR A 357 12.46 -3.62 -13.76
CA TYR A 357 13.16 -3.34 -15.02
C TYR A 357 14.28 -4.34 -15.27
N LYS A 358 14.56 -4.64 -16.54
CA LYS A 358 15.69 -5.50 -16.87
C LYS A 358 16.87 -4.57 -17.10
N ILE A 359 17.99 -4.79 -16.38
CA ILE A 359 19.18 -3.93 -16.53
C ILE A 359 19.67 -3.90 -18.00
N GLU A 360 19.41 -4.97 -18.77
CA GLU A 360 19.80 -5.03 -20.17
C GLU A 360 19.01 -4.00 -20.99
N GLU A 361 17.72 -3.76 -20.66
CA GLU A 361 16.97 -2.75 -21.39
C GLU A 361 17.37 -1.34 -20.95
N LEU A 362 17.52 -1.10 -19.63
CA LEU A 362 17.91 0.23 -19.15
C LEU A 362 19.27 0.68 -19.69
N PHE A 363 20.25 -0.24 -19.73
CA PHE A 363 21.61 0.11 -20.11
C PHE A 363 22.02 -0.20 -21.52
N TYR A 364 21.46 -1.26 -22.11
CA TYR A 364 21.88 -1.66 -23.45
C TYR A 364 20.86 -1.22 -24.53
N SER A 365 21.17 -1.50 -25.80
CA SER A 365 20.48 -1.05 -27.01
C SER A 365 21.02 0.36 -27.40
N TYR A 366 22.35 0.56 -27.19
CA TYR A 366 23.15 1.76 -27.45
C TYR A 366 22.60 3.03 -26.80
N HIS A 369 23.79 9.54 -23.45
CA HIS A 369 24.29 8.69 -22.37
C HIS A 369 25.80 8.70 -22.34
N SER A 370 26.38 8.48 -21.14
CA SER A 370 27.83 8.29 -21.06
C SER A 370 28.19 6.96 -21.80
N ASP A 371 27.21 6.01 -21.92
CA ASP A 371 27.27 4.68 -22.51
C ASP A 371 28.00 3.74 -21.56
N LYS A 372 29.10 4.22 -20.97
CA LYS A 372 29.90 3.48 -20.02
C LYS A 372 29.31 3.61 -18.60
N PHE A 373 28.27 2.81 -18.33
CA PHE A 373 27.70 2.72 -16.99
C PHE A 373 28.67 2.06 -15.99
N THR A 374 29.70 1.35 -16.51
CA THR A 374 30.79 0.72 -15.76
C THR A 374 31.76 1.77 -15.18
N ASP A 375 31.75 3.01 -15.70
CA ASP A 375 32.57 4.10 -15.19
C ASP A 375 31.84 4.72 -13.99
N GLY A 376 32.58 5.01 -12.95
CA GLY A 376 32.01 5.61 -11.76
C GLY A 376 30.99 4.78 -11.02
N VAL A 377 29.92 5.42 -10.58
CA VAL A 377 28.91 4.75 -9.77
C VAL A 377 27.48 5.01 -10.28
N CYS A 378 26.61 4.02 -10.11
CA CYS A 378 25.22 4.10 -10.51
C CYS A 378 24.38 4.27 -9.27
N LEU A 379 23.45 5.22 -9.32
CA LEU A 379 22.55 5.48 -8.20
C LEU A 379 21.17 5.06 -8.60
N PHE A 380 20.63 4.04 -7.92
CA PHE A 380 19.28 3.54 -8.18
C PHE A 380 18.45 3.82 -6.94
N TRP A 381 17.86 5.02 -6.83
CA TRP A 381 17.08 5.38 -5.66
C TRP A 381 15.60 5.12 -5.94
N ASN A 382 15.12 3.98 -5.46
CA ASN A 382 13.79 3.45 -5.71
C ASN A 382 13.54 3.19 -7.19
N CYS A 383 14.56 2.72 -7.92
CA CYS A 383 14.43 2.32 -9.33
C CYS A 383 14.64 0.81 -9.33
N ASN A 384 13.54 0.04 -9.29
CA ASN A 384 13.54 -1.41 -9.12
C ASN A 384 14.03 -2.17 -10.34
N VAL A 385 15.23 -2.73 -10.29
CA VAL A 385 15.78 -3.50 -11.41
C VAL A 385 15.97 -4.99 -11.00
N ASP A 386 16.10 -5.87 -12.00
CA ASP A 386 16.24 -7.30 -11.79
C ASP A 386 17.62 -7.70 -11.16
N ARG A 387 18.70 -7.00 -11.53
CA ARG A 387 20.02 -7.29 -11.01
C ARG A 387 20.85 -6.05 -11.12
N TYR A 388 21.19 -5.49 -9.97
CA TYR A 388 21.97 -4.27 -9.94
C TYR A 388 23.41 -4.52 -10.35
N PRO A 389 24.00 -3.56 -11.07
CA PRO A 389 25.43 -3.66 -11.36
C PRO A 389 26.26 -3.59 -10.06
N ALA A 390 27.51 -4.12 -10.08
CA ALA A 390 28.37 -4.09 -8.90
C ALA A 390 28.72 -2.68 -8.47
N ASN A 391 28.81 -1.70 -9.39
CA ASN A 391 29.17 -0.30 -8.98
C ASN A 391 27.92 0.54 -8.63
N SER A 392 27.05 0.02 -7.75
CA SER A 392 25.79 0.69 -7.43
C SER A 392 25.62 1.11 -5.97
N ILE A 393 24.81 2.17 -5.77
CA ILE A 393 24.27 2.71 -4.51
C ILE A 393 22.76 2.52 -4.72
N VAL A 394 22.12 1.71 -3.86
CA VAL A 394 20.72 1.35 -4.06
C VAL A 394 19.79 1.54 -2.88
N CYS A 395 18.61 2.11 -3.12
CA CYS A 395 17.51 2.13 -2.18
C CYS A 395 16.37 1.33 -2.84
N ARG A 396 15.91 0.26 -2.18
CA ARG A 396 14.90 -0.61 -2.73
C ARG A 396 13.85 -0.91 -1.66
N PHE A 397 12.59 -0.57 -1.94
CA PHE A 397 11.48 -0.81 -1.03
C PHE A 397 11.21 -2.31 -0.87
N ASP A 398 11.14 -2.78 0.38
CA ASP A 398 10.86 -4.18 0.68
C ASP A 398 9.34 -4.33 0.80
N THR A 399 8.73 -4.94 -0.21
CA THR A 399 7.30 -5.14 -0.30
C THR A 399 6.73 -6.04 0.80
N ARG A 400 7.58 -6.84 1.49
CA ARG A 400 7.09 -7.73 2.55
C ARG A 400 6.78 -6.99 3.85
N VAL A 401 7.21 -5.74 3.99
CA VAL A 401 7.04 -4.97 5.23
C VAL A 401 5.58 -4.77 5.64
N LEU A 402 5.30 -4.94 6.95
CA LEU A 402 3.95 -4.69 7.47
C LEU A 402 3.85 -3.24 7.95
N SER A 403 2.90 -2.48 7.38
CA SER A 403 2.64 -1.09 7.78
C SER A 403 1.28 -0.59 7.23
N ASN A 404 0.78 0.52 7.80
CA ASN A 404 -0.46 1.15 7.34
C ASN A 404 -0.30 1.81 5.95
N LEU A 405 0.95 2.06 5.51
CA LEU A 405 1.20 2.64 4.20
C LEU A 405 1.29 1.59 3.08
N ASN A 406 1.66 0.37 3.42
CA ASN A 406 1.86 -0.71 2.48
C ASN A 406 0.70 -1.71 2.47
N LEU A 407 -0.05 -1.73 1.39
CA LEU A 407 -1.20 -2.62 1.22
C LEU A 407 -0.82 -3.85 0.41
N PRO A 408 -1.47 -5.01 0.60
CA PRO A 408 -1.16 -6.18 -0.24
C PRO A 408 -1.41 -5.88 -1.73
N GLY A 409 -0.52 -6.39 -2.57
CA GLY A 409 -0.59 -6.15 -3.99
C GLY A 409 -0.72 -7.40 -4.84
N CYS A 410 -0.38 -7.25 -6.11
N CYS A 410 -0.35 -7.26 -6.12
CA CYS A 410 -0.48 -8.28 -7.14
CA CYS A 410 -0.42 -8.34 -7.12
C CYS A 410 0.85 -8.99 -7.44
C CYS A 410 0.89 -9.03 -7.32
N ASP A 411 0.82 -10.34 -7.56
CA ASP A 411 2.00 -11.18 -7.85
C ASP A 411 3.21 -11.00 -6.91
N GLY A 412 2.97 -10.92 -5.61
CA GLY A 412 4.04 -10.72 -4.64
C GLY A 412 4.36 -9.26 -4.36
N GLY A 413 3.94 -8.38 -5.24
CA GLY A 413 4.14 -6.95 -5.08
C GLY A 413 3.24 -6.37 -4.01
N SER A 414 3.43 -5.10 -3.73
CA SER A 414 2.63 -4.43 -2.71
C SER A 414 2.27 -3.05 -3.22
N LEU A 415 1.17 -2.51 -2.72
CA LEU A 415 0.74 -1.17 -3.10
C LEU A 415 1.18 -0.20 -2.03
N TYR A 416 2.21 0.60 -2.29
CA TYR A 416 2.73 1.52 -1.28
C TYR A 416 2.06 2.86 -1.46
N VAL A 417 1.27 3.29 -0.47
CA VAL A 417 0.49 4.51 -0.60
C VAL A 417 0.98 5.60 0.36
N ASN A 418 1.69 6.56 -0.18
CA ASN A 418 2.28 7.64 0.61
C ASN A 418 2.25 8.83 -0.35
N LYS A 419 1.23 9.70 -0.15
CA LYS A 419 0.87 10.84 -0.99
C LYS A 419 0.30 10.32 -2.33
N HIS A 420 1.03 9.45 -3.01
CA HIS A 420 0.60 8.82 -4.26
C HIS A 420 0.62 7.28 -4.08
N ALA A 421 -0.10 6.56 -4.94
CA ALA A 421 -0.12 5.10 -4.87
C ALA A 421 0.91 4.51 -5.82
N PHE A 422 1.79 3.65 -5.32
CA PHE A 422 2.84 3.06 -6.13
C PHE A 422 2.80 1.55 -6.00
N HIS A 423 2.34 0.83 -7.05
CA HIS A 423 2.41 -0.63 -7.00
C HIS A 423 3.88 -0.98 -7.20
N THR A 424 4.46 -1.79 -6.32
CA THR A 424 5.89 -2.10 -6.35
C THR A 424 6.10 -3.58 -6.57
N PRO A 425 6.95 -3.96 -7.54
CA PRO A 425 7.21 -5.39 -7.79
C PRO A 425 7.80 -6.09 -6.58
N ALA A 426 7.52 -7.38 -6.43
CA ALA A 426 7.99 -8.18 -5.32
C ALA A 426 9.50 -8.01 -5.02
N PHE A 427 9.82 -7.85 -3.72
CA PHE A 427 11.18 -7.76 -3.25
C PHE A 427 11.89 -9.10 -3.58
N ASP A 428 13.07 -9.02 -4.15
CA ASP A 428 13.81 -10.20 -4.58
C ASP A 428 15.27 -10.03 -4.20
N LYS A 429 15.73 -10.84 -3.21
CA LYS A 429 17.11 -10.81 -2.68
C LYS A 429 18.19 -11.07 -3.73
N SER A 430 17.86 -11.82 -4.78
CA SER A 430 18.82 -12.11 -5.84
C SER A 430 19.21 -10.87 -6.66
N ALA A 431 18.38 -9.79 -6.63
CA ALA A 431 18.74 -8.56 -7.34
C ALA A 431 20.02 -7.92 -6.77
N PHE A 432 20.35 -8.22 -5.51
CA PHE A 432 21.47 -7.60 -4.81
C PHE A 432 22.74 -8.44 -4.72
N VAL A 433 22.88 -9.52 -5.51
CA VAL A 433 24.05 -10.40 -5.44
C VAL A 433 25.40 -9.73 -5.69
N ASN A 434 25.45 -8.64 -6.47
CA ASN A 434 26.73 -7.95 -6.71
C ASN A 434 27.06 -6.90 -5.62
N LEU A 435 26.16 -6.68 -4.66
CA LEU A 435 26.31 -5.65 -3.65
C LEU A 435 26.29 -6.24 -2.22
N LYS A 436 26.38 -5.35 -1.23
CA LYS A 436 26.23 -5.75 0.17
C LYS A 436 25.26 -4.75 0.83
N GLN A 437 24.74 -5.10 2.01
CA GLN A 437 23.90 -4.18 2.76
C GLN A 437 24.73 -2.98 3.20
N LEU A 438 24.17 -1.79 3.09
CA LEU A 438 24.87 -0.58 3.50
C LEU A 438 24.75 -0.50 5.03
N PRO A 439 25.87 -0.51 5.76
CA PRO A 439 25.78 -0.38 7.23
C PRO A 439 25.41 1.03 7.66
N PHE A 440 24.82 1.18 8.86
CA PHE A 440 24.53 2.50 9.40
C PHE A 440 25.86 3.27 9.66
N PHE A 441 25.84 4.58 9.39
CA PHE A 441 26.92 5.48 9.71
C PHE A 441 26.40 6.89 9.60
N TYR A 442 27.02 7.79 10.35
CA TYR A 442 26.70 9.20 10.27
C TYR A 442 28.01 9.88 9.88
N TYR A 443 27.99 10.74 8.88
CA TYR A 443 29.19 11.47 8.49
C TYR A 443 28.87 12.97 8.48
N SER A 444 29.79 13.79 8.92
CA SER A 444 29.65 15.23 8.88
C SER A 444 31.01 15.92 8.91
N ASP A 445 31.18 16.90 8.03
CA ASP A 445 32.33 17.78 7.93
C ASP A 445 31.99 19.21 8.43
N SER A 446 30.78 19.43 8.98
CA SER A 446 30.38 20.73 9.48
C SER A 446 31.20 21.09 10.72
N PRO A 447 31.45 22.39 10.97
CA PRO A 447 32.23 22.74 12.16
C PRO A 447 31.56 22.32 13.48
N CYS A 448 32.38 22.02 14.49
CA CYS A 448 31.88 21.63 15.80
C CYS A 448 31.48 22.91 16.54
N GLU A 449 30.20 23.22 16.59
CA GLU A 449 29.70 24.43 17.23
C GLU A 449 28.21 24.26 17.53
N SER A 450 27.84 24.33 18.83
CA SER A 450 26.50 24.13 19.36
C SER A 450 25.38 25.00 18.72
N HIS A 451 25.44 26.36 18.88
CA HIS A 451 24.45 27.29 18.34
C HIS A 451 23.01 27.07 18.86
N GLY A 452 22.48 28.08 19.54
CA GLY A 452 21.13 28.06 20.09
C GLY A 452 21.09 27.72 21.56
N ILE A 459 16.16 20.22 24.75
CA ILE A 459 17.32 19.46 24.28
C ILE A 459 18.34 19.25 25.39
N ASP A 460 18.30 18.06 26.04
CA ASP A 460 19.25 17.75 27.11
C ASP A 460 20.44 16.88 26.61
N TYR A 461 21.53 16.78 27.41
CA TYR A 461 22.72 16.05 26.94
C TYR A 461 23.27 14.95 27.85
N VAL A 462 23.72 13.87 27.19
CA VAL A 462 24.44 12.71 27.70
C VAL A 462 25.55 12.51 26.67
N PRO A 463 26.83 12.50 27.05
CA PRO A 463 27.90 12.37 26.05
C PRO A 463 27.77 11.16 25.12
N LEU A 464 27.95 11.39 23.81
CA LEU A 464 27.82 10.31 22.84
C LEU A 464 29.12 9.56 22.62
N LYS A 465 29.06 8.23 22.67
CA LYS A 465 30.20 7.38 22.37
C LYS A 465 29.76 6.45 21.24
N SER A 466 30.40 6.56 20.08
CA SER A 466 30.02 5.73 18.94
C SER A 466 31.14 5.60 17.91
N ALA A 467 31.40 4.37 17.48
CA ALA A 467 32.36 4.13 16.41
C ALA A 467 31.80 4.61 15.03
N THR A 468 30.47 4.80 14.89
CA THR A 468 29.86 5.19 13.63
C THR A 468 29.56 6.70 13.49
N CYS A 469 30.05 7.53 14.42
CA CYS A 469 29.87 8.98 14.30
C CYS A 469 31.17 9.48 13.62
N ILE A 470 31.19 9.56 12.31
CA ILE A 470 32.38 9.96 11.56
C ILE A 470 32.48 11.50 11.45
N THR A 471 33.11 12.09 12.47
CA THR A 471 33.30 13.53 12.59
C THR A 471 34.74 13.85 13.08
N ARG A 472 35.17 15.11 12.89
CA ARG A 472 36.46 15.63 13.34
C ARG A 472 36.58 15.46 14.84
N CYS A 473 35.49 15.73 15.60
CA CYS A 473 35.47 15.61 17.05
C CYS A 473 35.66 14.19 17.52
N ASN A 474 35.02 13.23 16.86
CA ASN A 474 35.17 11.82 17.22
C ASN A 474 36.58 11.32 16.87
N LEU A 475 37.15 11.81 15.75
CA LEU A 475 38.52 11.48 15.35
C LEU A 475 39.49 11.99 16.44
N GLY A 476 39.22 13.19 16.94
CA GLY A 476 39.99 13.82 18.01
C GLY A 476 39.79 13.22 19.39
N GLY A 477 38.87 12.27 19.53
CA GLY A 477 38.66 11.57 20.79
C GLY A 477 37.42 11.86 21.62
N ALA A 478 36.61 12.87 21.27
CA ALA A 478 35.43 13.25 22.05
C ALA A 478 34.36 13.99 21.21
N VAL A 479 33.21 13.35 20.95
CA VAL A 479 32.11 13.93 20.17
C VAL A 479 31.53 15.22 20.81
N CYS A 480 31.53 16.33 20.05
CA CYS A 480 31.00 17.61 20.51
C CYS A 480 29.44 17.52 20.61
N ARG A 481 28.81 18.43 21.40
CA ARG A 481 27.36 18.45 21.58
C ARG A 481 26.56 18.54 20.26
N HIS A 482 26.97 19.45 19.35
CA HIS A 482 26.31 19.61 18.06
C HIS A 482 26.28 18.31 17.24
N HIS A 483 27.44 17.64 17.09
CA HIS A 483 27.50 16.42 16.31
C HIS A 483 26.80 15.26 17.02
N ALA A 484 26.70 15.27 18.36
CA ALA A 484 25.95 14.25 19.08
C ALA A 484 24.43 14.45 18.81
N ASN A 485 23.97 15.71 18.77
CA ASN A 485 22.56 16.03 18.51
C ASN A 485 22.20 15.64 17.07
N GLU A 486 23.06 16.01 16.10
CA GLU A 486 22.87 15.68 14.70
C GLU A 486 22.93 14.18 14.47
N TYR A 487 23.82 13.48 15.20
CA TYR A 487 23.95 12.04 15.09
C TYR A 487 22.65 11.37 15.54
N ARG A 488 22.11 11.80 16.68
CA ARG A 488 20.89 11.21 17.22
C ARG A 488 19.69 11.46 16.33
N LEU A 489 19.63 12.65 15.71
CA LEU A 489 18.57 13.00 14.78
C LEU A 489 18.66 12.16 13.51
N TYR A 490 19.88 11.96 13.01
CA TYR A 490 20.13 11.15 11.82
C TYR A 490 19.82 9.69 12.08
N LEU A 491 20.18 9.18 13.24
CA LEU A 491 19.87 7.79 13.59
C LEU A 491 18.33 7.59 13.64
N ASP A 492 17.58 8.58 14.15
CA ASP A 492 16.12 8.52 14.21
C ASP A 492 15.53 8.49 12.81
N ALA A 493 16.01 9.37 11.89
CA ALA A 493 15.55 9.41 10.51
C ALA A 493 15.86 8.06 9.80
N TYR A 494 17.07 7.54 10.01
CA TYR A 494 17.49 6.29 9.42
C TYR A 494 16.60 5.13 9.87
N ASN A 495 16.35 5.00 11.20
CA ASN A 495 15.52 3.93 11.74
C ASN A 495 14.07 4.04 11.24
N MET A 496 13.58 5.27 11.06
CA MET A 496 12.25 5.54 10.55
C MET A 496 12.12 4.94 9.13
N MET A 497 13.06 5.30 8.25
CA MET A 497 13.15 4.85 6.87
C MET A 497 13.25 3.30 6.76
N ILE A 498 14.09 2.67 7.58
CA ILE A 498 14.25 1.22 7.58
C ILE A 498 12.95 0.53 8.03
N SER A 499 12.39 0.99 9.14
CA SER A 499 11.15 0.44 9.66
C SER A 499 9.97 0.65 8.69
N ALA A 500 9.97 1.72 7.88
CA ALA A 500 8.96 1.95 6.85
C ALA A 500 9.03 0.92 5.67
N GLY A 501 10.13 0.19 5.58
CA GLY A 501 10.27 -0.82 4.54
C GLY A 501 11.43 -0.61 3.57
N PHE A 502 12.13 0.52 3.63
CA PHE A 502 13.24 0.76 2.71
C PHE A 502 14.52 0.01 3.09
N SER A 503 15.22 -0.54 2.08
CA SER A 503 16.48 -1.26 2.30
C SER A 503 17.57 -0.60 1.46
N LEU A 504 18.78 -0.52 2.03
CA LEU A 504 19.92 0.16 1.41
C LEU A 504 21.05 -0.79 1.10
N TRP A 505 21.58 -0.69 -0.10
CA TRP A 505 22.62 -1.57 -0.59
C TRP A 505 23.72 -0.74 -1.28
N VAL A 506 24.94 -1.26 -1.27
CA VAL A 506 26.08 -0.52 -1.78
C VAL A 506 27.14 -1.44 -2.41
N TYR A 507 28.02 -0.87 -3.26
CA TYR A 507 29.13 -1.60 -3.85
C TYR A 507 30.03 -2.20 -2.74
N LYS A 508 30.55 -3.43 -2.93
CA LYS A 508 31.33 -4.14 -1.91
C LYS A 508 32.57 -3.39 -1.38
N GLN A 509 33.22 -2.57 -2.20
CA GLN A 509 34.40 -1.82 -1.76
C GLN A 509 34.06 -0.68 -0.81
N PHE A 510 32.76 -0.34 -0.61
CA PHE A 510 32.41 0.75 0.28
C PHE A 510 32.91 0.52 1.71
N ASP A 511 33.71 1.44 2.21
CA ASP A 511 34.32 1.32 3.54
C ASP A 511 34.32 2.69 4.18
N THR A 512 33.63 2.86 5.32
CA THR A 512 33.60 4.12 6.07
C THR A 512 34.97 4.51 6.64
N TYR A 513 35.90 3.55 6.77
CA TYR A 513 37.26 3.86 7.20
C TYR A 513 37.93 4.89 6.28
N ASN A 514 37.51 4.92 4.99
CA ASN A 514 38.05 5.89 4.02
C ASN A 514 37.54 7.32 4.25
N LEU A 515 36.53 7.52 5.09
CA LEU A 515 36.02 8.85 5.40
C LEU A 515 36.86 9.63 6.44
N TRP A 516 37.59 8.95 7.32
CA TRP A 516 38.40 9.63 8.36
C TRP A 516 39.47 10.58 7.79
N ASN A 517 40.09 10.21 6.64
CA ASN A 517 41.11 11.08 6.02
C ASN A 517 40.53 12.29 5.28
N THR A 518 39.20 12.46 5.27
CA THR A 518 38.62 13.69 4.74
C THR A 518 38.73 14.84 5.81
N PHE A 519 39.28 14.54 7.03
CA PHE A 519 39.55 15.49 8.11
C PHE A 519 41.08 15.58 8.24
N THR A 520 41.68 16.61 7.64
CA THR A 520 43.14 16.79 7.64
C THR A 520 43.53 18.23 7.99
ZN ZN B . -3.27 -12.39 -6.86
ZN ZN C . 31.88 17.91 16.39
ZN ZN D . -15.36 7.77 16.70
P PO4 E . -10.00 7.39 2.61
O1 PO4 E . -10.01 7.41 4.16
O2 PO4 E . -8.50 7.40 2.04
O3 PO4 E . -10.74 8.71 2.11
O4 PO4 E . -10.70 6.03 2.09
P PO4 F . 25.39 18.32 9.96
O1 PO4 F . 26.08 18.79 11.28
O2 PO4 F . 26.49 17.92 8.87
O3 PO4 F . 24.45 17.06 10.25
O4 PO4 F . 24.53 19.56 9.42
N1 LNS G . -10.57 10.59 7.20
C4 LNS G . -8.05 7.93 6.85
C5 LNS G . -7.35 7.05 7.66
C6 LNS G . -7.55 7.07 9.01
C7 LNS G . -8.48 7.97 9.53
C8 LNS G . -8.72 8.01 11.03
C1 LNS G . -11.32 11.62 6.50
C2 LNS G . -9.74 9.77 6.58
O1 LNS G . -9.56 9.79 5.36
C3 LNS G . -8.96 8.79 7.45
N2 LNS G . -9.19 8.81 8.77
O2 LNS G . -9.51 8.87 11.43
O3 LNS G . -8.08 7.21 11.73
#